data_3SC0
#
_entry.id   3SC0
#
_cell.length_a   105.955
_cell.length_b   105.955
_cell.length_c   84.253
_cell.angle_alpha   90.000
_cell.angle_beta   90.000
_cell.angle_gamma   120.000
#
_symmetry.space_group_name_H-M   'P 62 2 2'
#
loop_
_entity.id
_entity.type
_entity.pdbx_description
1 polymer 'Methylmalonic aciduria and homocystinuria type C protein'
2 non-polymer CO-METHYLCOBALAMIN
3 water water
#
_entity_poly.entity_id   1
_entity_poly.type   'polypeptide(L)'
_entity_poly.pdbx_seq_one_letter_code
;SNAMEPKVAELKQKIEDTLCPFGFEVYPFQVAWYNELLPPAFHLPLPGPTLAFLVLSTPAMFDRALKPFLQSCHLRMLTD
PVDQCVAYHLGRVRESLPELQIEIIADYEVHPNRRPKILAQTAAHVAGAAYYYQRQDVEADPWGNQRISGVCIHPRFGGW
FAIRGVVLLPGIEVPDLPPRKPHDCVPTRADRIALLEGFNFHWRDWTYRDAVTPQERYSEEQKAYFSTPPAQRLALLGLA
Q
;
_entity_poly.pdbx_strand_id   A
#
# COMPACT_ATOMS: atom_id res chain seq x y z
N GLU A 5 20.88 11.22 5.53
CA GLU A 5 19.84 10.90 6.50
C GLU A 5 19.03 12.13 6.95
N PRO A 6 19.71 13.23 7.30
CA PRO A 6 18.95 14.41 7.75
C PRO A 6 18.05 15.00 6.66
N LYS A 7 18.47 14.87 5.41
CA LYS A 7 17.64 15.33 4.29
C LYS A 7 16.35 14.50 4.25
N VAL A 8 16.46 13.18 4.33
CA VAL A 8 15.27 12.36 4.22
C VAL A 8 14.37 12.57 5.42
N ALA A 9 14.94 12.83 6.59
CA ALA A 9 14.15 13.15 7.77
C ALA A 9 13.32 14.43 7.60
N GLU A 10 13.91 15.49 7.02
CA GLU A 10 13.14 16.71 6.78
C GLU A 10 11.98 16.48 5.82
N LEU A 11 12.22 15.69 4.79
CA LEU A 11 11.18 15.41 3.80
C LEU A 11 10.12 14.50 4.36
N LYS A 12 10.56 13.48 5.08
CA LYS A 12 9.65 12.55 5.71
C LYS A 12 8.75 13.29 6.70
N GLN A 13 9.32 14.23 7.45
CA GLN A 13 8.50 15.02 8.38
C GLN A 13 7.38 15.79 7.69
N LYS A 14 7.69 16.42 6.56
CA LYS A 14 6.70 17.24 5.85
C LYS A 14 5.61 16.34 5.27
N ILE A 15 5.99 15.18 4.77
CA ILE A 15 5.02 14.23 4.21
C ILE A 15 4.11 13.69 5.31
N GLU A 16 4.70 13.32 6.44
CA GLU A 16 3.94 12.86 7.60
C GLU A 16 2.99 13.95 8.16
N ASP A 17 3.46 15.19 8.24
CA ASP A 17 2.59 16.30 8.61
C ASP A 17 1.36 16.36 7.72
N THR A 18 1.55 16.08 6.43
CA THR A 18 0.48 16.17 5.44
C THR A 18 -0.48 14.98 5.58
N LEU A 19 0.08 13.79 5.78
CA LEU A 19 -0.67 12.52 5.62
C LEU A 19 -1.03 11.79 6.94
N CYS A 20 -0.16 11.84 7.94
CA CYS A 20 -0.41 11.05 9.17
C CYS A 20 -1.72 11.40 9.89
N PRO A 21 -2.13 12.69 9.89
CA PRO A 21 -3.40 12.99 10.55
C PRO A 21 -4.59 12.33 9.86
N PHE A 22 -4.38 11.78 8.67
CA PHE A 22 -5.47 11.18 7.91
C PHE A 22 -5.38 9.66 7.88
N GLY A 23 -4.50 9.09 8.68
CA GLY A 23 -4.45 7.64 8.84
C GLY A 23 -3.54 6.94 7.87
N PHE A 24 -2.58 7.65 7.30
CA PHE A 24 -1.52 7.01 6.50
C PHE A 24 -0.22 6.92 7.30
N GLU A 25 0.68 6.02 6.87
CA GLU A 25 2.04 5.90 7.41
C GLU A 25 2.98 6.02 6.21
N VAL A 26 4.20 6.49 6.43
CA VAL A 26 5.12 6.66 5.27
C VAL A 26 6.51 6.12 5.59
N TYR A 27 7.10 5.44 4.61
CA TYR A 27 8.37 4.76 4.78
C TYR A 27 9.31 5.06 3.62
N PRO A 28 10.53 5.58 3.90
CA PRO A 28 11.48 5.83 2.80
C PRO A 28 12.13 4.57 2.23
N PHE A 29 12.56 4.63 0.97
CA PHE A 29 13.45 3.61 0.41
C PHE A 29 14.21 4.19 -0.79
N GLN A 30 15.27 3.51 -1.22
CA GLN A 30 15.97 3.92 -2.44
C GLN A 30 15.38 3.14 -3.58
N VAL A 31 15.16 3.83 -4.69
CA VAL A 31 14.69 3.17 -5.93
C VAL A 31 15.49 1.89 -6.25
N ALA A 32 16.80 1.91 -5.98
CA ALA A 32 17.64 0.75 -6.31
C ALA A 32 17.15 -0.54 -5.61
N TRP A 33 16.67 -0.41 -4.39
CA TRP A 33 16.23 -1.58 -3.60
C TRP A 33 15.05 -2.24 -4.28
N TYR A 34 14.15 -1.43 -4.82
CA TYR A 34 12.97 -1.88 -5.57
C TYR A 34 13.37 -2.49 -6.92
N ASN A 35 14.07 -1.72 -7.76
CA ASN A 35 14.51 -2.20 -9.09
C ASN A 35 15.34 -3.49 -8.99
N GLU A 36 16.16 -3.61 -7.96
CA GLU A 36 17.05 -4.77 -7.75
C GLU A 36 16.36 -6.14 -7.86
N LEU A 37 15.12 -6.20 -7.37
CA LEU A 37 14.39 -7.45 -7.23
C LEU A 37 13.55 -7.81 -8.43
N LEU A 38 13.60 -6.96 -9.45
CA LEU A 38 12.57 -6.95 -10.46
C LEU A 38 13.14 -7.11 -11.84
N PRO A 39 12.37 -7.75 -12.75
CA PRO A 39 12.78 -7.78 -14.15
C PRO A 39 12.67 -6.39 -14.79
N PRO A 40 13.44 -6.16 -15.85
CA PRO A 40 13.50 -4.90 -16.62
C PRO A 40 12.17 -4.20 -16.88
N ALA A 41 11.16 -4.94 -17.30
CA ALA A 41 9.87 -4.35 -17.58
C ALA A 41 9.33 -3.53 -16.39
N PHE A 42 9.62 -3.92 -15.16
CA PHE A 42 9.04 -3.20 -14.01
C PHE A 42 9.94 -2.12 -13.41
N HIS A 43 11.15 -1.97 -13.93
CA HIS A 43 12.08 -0.96 -13.39
C HIS A 43 11.54 0.46 -13.53
N LEU A 44 11.73 1.26 -12.47
CA LEU A 44 11.48 2.69 -12.51
C LEU A 44 12.70 3.35 -13.12
N PRO A 45 12.49 4.22 -14.11
CA PRO A 45 13.60 4.87 -14.83
C PRO A 45 14.23 6.04 -14.08
N LEU A 46 14.88 5.74 -12.96
CA LEU A 46 15.50 6.72 -12.09
C LEU A 46 16.81 6.14 -11.57
N PRO A 47 17.77 7.00 -11.23
CA PRO A 47 18.99 6.55 -10.53
C PRO A 47 18.67 5.69 -9.30
N GLY A 48 19.45 4.64 -9.07
CA GLY A 48 19.32 3.80 -7.89
C GLY A 48 19.14 4.56 -6.57
N PRO A 49 19.98 5.57 -6.30
CA PRO A 49 19.87 6.26 -4.99
C PRO A 49 18.70 7.23 -4.85
N THR A 50 17.85 7.35 -5.86
CA THR A 50 16.71 8.28 -5.80
C THR A 50 15.84 7.96 -4.57
N LEU A 51 15.45 9.00 -3.85
CA LEU A 51 14.59 8.85 -2.68
C LEU A 51 13.13 8.62 -3.06
N ALA A 52 12.48 7.73 -2.31
CA ALA A 52 11.07 7.37 -2.52
C ALA A 52 10.42 7.15 -1.16
N PHE A 53 9.10 7.30 -1.11
CA PHE A 53 8.37 6.95 0.09
C PHE A 53 7.20 6.03 -0.25
N LEU A 54 7.03 4.99 0.54
CA LEU A 54 5.91 4.08 0.40
C LEU A 54 4.83 4.54 1.37
N VAL A 55 3.61 4.71 0.88
CA VAL A 55 2.51 5.25 1.70
C VAL A 55 1.50 4.12 1.90
N LEU A 56 1.17 3.81 3.15
CA LEU A 56 0.10 2.87 3.36
C LEU A 56 -0.99 3.49 4.21
N SER A 57 -2.19 2.89 4.20
CA SER A 57 -3.29 3.30 5.07
C SER A 57 -3.48 2.31 6.21
N THR A 58 -3.69 2.86 7.40
CA THR A 58 -3.99 2.09 8.58
C THR A 58 -5.52 1.96 8.69
N PRO A 59 -6.02 1.21 9.69
CA PRO A 59 -7.47 1.20 9.88
C PRO A 59 -8.08 2.58 10.14
N ALA A 60 -7.30 3.53 10.65
CA ALA A 60 -7.81 4.86 10.97
C ALA A 60 -8.13 5.71 9.72
N MET A 61 -7.65 5.31 8.54
CA MET A 61 -7.88 6.13 7.34
C MET A 61 -9.38 6.23 6.96
N PHE A 62 -10.12 5.17 7.20
CA PHE A 62 -11.55 5.16 6.87
C PHE A 62 -12.29 6.31 7.55
N ASP A 63 -12.12 6.43 8.87
CA ASP A 63 -12.73 7.51 9.64
C ASP A 63 -12.07 8.88 9.42
N ARG A 64 -10.76 8.93 9.29
CA ARG A 64 -10.06 10.23 9.29
C ARG A 64 -9.91 10.86 7.91
N ALA A 65 -10.02 10.05 6.87
CA ALA A 65 -9.85 10.54 5.52
C ALA A 65 -11.09 10.26 4.69
N LEU A 66 -11.54 9.02 4.67
CA LEU A 66 -12.56 8.64 3.68
C LEU A 66 -13.91 9.25 4.04
N LYS A 67 -14.31 9.14 5.31
CA LYS A 67 -15.62 9.67 5.68
C LYS A 67 -15.74 11.18 5.44
N PRO A 68 -14.75 11.97 5.87
CA PRO A 68 -14.78 13.40 5.52
C PRO A 68 -14.75 13.67 4.00
N PHE A 69 -13.93 12.93 3.27
CA PHE A 69 -13.87 13.12 1.82
C PHE A 69 -15.23 12.94 1.14
N LEU A 70 -16.01 12.00 1.67
CA LEU A 70 -17.33 11.73 1.08
C LEU A 70 -18.25 12.94 1.20
N GLN A 71 -17.93 13.87 2.10
CA GLN A 71 -18.71 15.11 2.30
C GLN A 71 -18.06 16.31 1.58
N SER A 72 -17.00 16.07 0.83
CA SER A 72 -16.24 17.18 0.25
C SER A 72 -16.74 17.52 -1.14
N CYS A 73 -16.31 18.69 -1.63
CA CYS A 73 -16.61 19.13 -2.99
C CYS A 73 -15.74 18.37 -3.99
N HIS A 74 -14.73 17.66 -3.49
CA HIS A 74 -13.82 16.92 -4.36
C HIS A 74 -14.42 15.59 -4.85
N LEU A 75 -15.54 15.15 -4.28
CA LEU A 75 -16.10 13.85 -4.63
C LEU A 75 -16.68 13.84 -6.04
N ARG A 76 -16.26 12.87 -6.86
CA ARG A 76 -16.70 12.74 -8.25
C ARG A 76 -17.45 11.45 -8.44
N MET A 77 -18.18 11.35 -9.54
CA MET A 77 -18.81 10.10 -9.96
C MET A 77 -17.79 9.12 -10.57
N LEU A 78 -18.19 7.85 -10.61
CA LEU A 78 -17.57 6.78 -11.41
C LEU A 78 -16.17 6.29 -11.02
N THR A 79 -15.63 6.75 -9.90
CA THR A 79 -14.47 6.07 -9.37
C THR A 79 -14.66 5.80 -7.87
N ASP A 80 -14.12 4.68 -7.39
CA ASP A 80 -14.30 4.30 -5.99
C ASP A 80 -13.83 5.43 -5.08
N PRO A 81 -14.68 5.83 -4.12
CA PRO A 81 -14.30 6.98 -3.29
C PRO A 81 -13.01 6.77 -2.52
N VAL A 82 -12.65 5.55 -2.15
CA VAL A 82 -11.38 5.33 -1.48
C VAL A 82 -10.22 5.75 -2.37
N ASP A 83 -10.27 5.35 -3.65
CA ASP A 83 -9.24 5.73 -4.60
C ASP A 83 -9.21 7.26 -4.85
N GLN A 84 -10.38 7.90 -4.89
CA GLN A 84 -10.42 9.37 -5.02
C GLN A 84 -9.78 10.01 -3.80
N CYS A 85 -10.12 9.49 -2.63
CA CYS A 85 -9.64 10.07 -1.38
C CYS A 85 -8.11 9.94 -1.34
N VAL A 86 -7.61 8.76 -1.70
CA VAL A 86 -6.16 8.55 -1.80
C VAL A 86 -5.48 9.49 -2.83
N ALA A 87 -6.06 9.66 -4.01
CA ALA A 87 -5.48 10.55 -5.03
C ALA A 87 -5.43 11.98 -4.48
N TYR A 88 -6.47 12.35 -3.75
CA TYR A 88 -6.60 13.69 -3.23
C TYR A 88 -5.48 13.96 -2.22
N HIS A 89 -5.30 13.04 -1.26
CA HIS A 89 -4.23 13.21 -0.28
C HIS A 89 -2.83 13.10 -0.87
N LEU A 90 -2.58 12.18 -1.82
CA LEU A 90 -1.26 12.16 -2.46
C LEU A 90 -1.02 13.51 -3.15
N GLY A 91 -2.07 14.07 -3.75
CA GLY A 91 -1.97 15.37 -4.40
C GLY A 91 -1.58 16.46 -3.42
N ARG A 92 -2.10 16.38 -2.20
CA ARG A 92 -1.68 17.33 -1.16
C ARG A 92 -0.16 17.24 -0.90
N VAL A 93 0.42 16.06 -1.04
CA VAL A 93 1.85 15.96 -0.79
C VAL A 93 2.65 16.83 -1.78
N ARG A 94 2.24 16.81 -3.05
CA ARG A 94 2.79 17.70 -4.06
C ARG A 94 2.79 19.15 -3.60
N GLU A 95 1.66 19.59 -3.08
CA GLU A 95 1.49 20.96 -2.66
C GLU A 95 2.34 21.29 -1.45
N SER A 96 2.57 20.32 -0.58
CA SER A 96 3.36 20.59 0.62
C SER A 96 4.85 20.69 0.33
N LEU A 97 5.25 20.39 -0.90
CA LEU A 97 6.67 20.45 -1.27
C LEU A 97 6.81 21.16 -2.61
N PRO A 98 6.37 22.42 -2.67
CA PRO A 98 6.20 23.07 -3.97
C PRO A 98 7.50 23.35 -4.72
N GLU A 99 8.64 23.30 -4.04
CA GLU A 99 9.92 23.58 -4.68
C GLU A 99 10.63 22.32 -5.19
N LEU A 100 10.02 21.15 -5.01
CA LEU A 100 10.63 19.90 -5.47
C LEU A 100 9.82 19.27 -6.59
N GLN A 101 10.50 18.52 -7.44
CA GLN A 101 9.82 17.64 -8.39
C GLN A 101 9.31 16.44 -7.58
N ILE A 102 8.02 16.18 -7.67
CA ILE A 102 7.40 15.09 -6.90
C ILE A 102 6.56 14.24 -7.86
N GLU A 103 6.85 12.95 -7.96
CA GLU A 103 6.01 12.05 -8.75
C GLU A 103 5.21 11.15 -7.80
N ILE A 104 3.92 10.96 -8.09
CA ILE A 104 3.08 10.16 -7.20
C ILE A 104 2.39 9.08 -8.03
N ILE A 105 2.40 7.84 -7.54
CA ILE A 105 1.76 6.73 -8.25
C ILE A 105 0.93 5.97 -7.22
N ALA A 106 -0.38 5.91 -7.42
CA ALA A 106 -1.26 5.16 -6.54
C ALA A 106 -1.25 3.65 -6.88
N ASP A 107 -1.64 2.84 -5.89
CA ASP A 107 -1.68 1.40 -6.05
C ASP A 107 -2.62 0.95 -7.19
N TYR A 108 -3.67 1.72 -7.46
CA TYR A 108 -4.68 1.28 -8.41
C TYR A 108 -4.28 1.59 -9.84
N GLU A 109 -3.22 2.38 -10.04
CA GLU A 109 -2.87 2.84 -11.37
C GLU A 109 -2.31 1.70 -12.26
N VAL A 110 -2.71 1.70 -13.52
CA VAL A 110 -2.25 0.68 -14.48
C VAL A 110 -1.93 1.29 -15.83
N HIS A 111 -0.97 0.70 -16.51
CA HIS A 111 -0.66 1.09 -17.87
C HIS A 111 -1.78 0.61 -18.81
N PRO A 112 -1.84 1.17 -20.03
CA PRO A 112 -2.84 0.72 -20.99
C PRO A 112 -2.82 -0.79 -21.18
N ASN A 113 -1.65 -1.41 -21.08
CA ASN A 113 -1.55 -2.87 -21.27
C ASN A 113 -1.94 -3.65 -20.02
N ARG A 114 -2.52 -2.95 -19.05
CA ARG A 114 -3.03 -3.53 -17.80
C ARG A 114 -1.99 -3.93 -16.77
N ARG A 115 -0.70 -3.69 -17.03
CA ARG A 115 0.32 -3.91 -16.00
C ARG A 115 0.26 -2.77 -14.96
N PRO A 116 0.42 -3.12 -13.69
CA PRO A 116 0.40 -2.09 -12.63
C PRO A 116 1.56 -1.12 -12.82
N LYS A 117 1.37 0.14 -12.47
CA LYS A 117 2.46 1.10 -12.65
C LYS A 117 3.53 0.90 -11.58
N ILE A 118 3.11 0.49 -10.38
CA ILE A 118 4.03 0.18 -9.30
C ILE A 118 3.64 -1.16 -8.69
N LEU A 119 4.64 -1.95 -8.33
CA LEU A 119 4.39 -3.18 -7.58
C LEU A 119 4.39 -2.83 -6.10
N ALA A 120 3.18 -2.55 -5.60
CA ALA A 120 2.99 -2.01 -4.27
C ALA A 120 3.64 -2.85 -3.19
N GLN A 121 3.52 -4.16 -3.30
CA GLN A 121 3.97 -5.04 -2.23
C GLN A 121 5.49 -5.16 -2.22
N THR A 122 6.11 -5.02 -3.38
CA THR A 122 7.57 -5.05 -3.44
C THR A 122 8.12 -3.78 -2.82
N ALA A 123 7.48 -2.65 -3.08
CA ALA A 123 7.87 -1.39 -2.47
C ALA A 123 7.68 -1.46 -0.93
N ALA A 124 6.58 -2.06 -0.47
CA ALA A 124 6.31 -2.16 0.97
C ALA A 124 7.36 -3.01 1.69
N HIS A 125 7.82 -4.07 1.04
CA HIS A 125 8.84 -4.94 1.59
C HIS A 125 10.20 -4.20 1.74
N VAL A 126 10.67 -3.56 0.67
CA VAL A 126 12.01 -2.99 0.69
C VAL A 126 12.03 -1.70 1.51
N ALA A 127 10.86 -1.07 1.68
CA ALA A 127 10.78 0.13 2.54
C ALA A 127 10.71 -0.29 4.01
N GLY A 128 10.65 -1.59 4.27
CA GLY A 128 10.62 -2.09 5.62
C GLY A 128 9.25 -1.98 6.25
N ALA A 129 8.24 -1.67 5.45
CA ALA A 129 6.90 -1.39 5.99
C ALA A 129 6.14 -2.67 6.36
N ALA A 130 6.23 -3.67 5.50
CA ALA A 130 5.53 -4.94 5.72
C ALA A 130 6.17 -6.02 4.86
N TYR A 131 6.47 -7.15 5.47
CA TYR A 131 7.10 -8.27 4.80
C TYR A 131 6.13 -8.86 3.74
N TYR A 132 6.64 -9.03 2.53
CA TYR A 132 5.83 -9.53 1.42
C TYR A 132 6.00 -11.05 1.35
N TYR A 133 4.99 -11.79 1.85
CA TYR A 133 5.03 -13.26 1.82
C TYR A 133 4.60 -13.77 0.47
N GLN A 134 5.49 -14.51 -0.17
CA GLN A 134 5.24 -15.00 -1.52
C GLN A 134 5.35 -16.51 -1.58
N ARG A 135 4.84 -17.08 -2.67
CA ARG A 135 4.96 -18.50 -2.91
C ARG A 135 6.44 -18.92 -2.70
N GLN A 136 7.37 -18.09 -3.18
CA GLN A 136 8.81 -18.42 -3.13
C GLN A 136 9.34 -18.48 -1.69
N ASP A 137 8.55 -18.01 -0.73
CA ASP A 137 8.95 -18.07 0.68
C ASP A 137 8.50 -19.37 1.34
N VAL A 138 7.95 -20.27 0.54
CA VAL A 138 7.50 -21.57 1.05
C VAL A 138 8.18 -22.66 0.23
N GLU A 139 9.10 -23.41 0.83
CA GLU A 139 9.73 -24.51 0.10
C GLU A 139 8.77 -25.70 0.02
N ALA A 140 8.87 -26.47 -1.06
CA ALA A 140 8.06 -27.67 -1.21
C ALA A 140 6.61 -27.29 -1.00
N ASP A 141 6.17 -26.24 -1.70
CA ASP A 141 4.82 -25.75 -1.53
C ASP A 141 3.82 -26.76 -2.12
N PRO A 142 2.62 -26.80 -1.58
CA PRO A 142 1.62 -27.78 -1.98
C PRO A 142 0.69 -27.31 -3.10
N TRP A 143 1.10 -26.35 -3.93
CA TRP A 143 0.11 -25.68 -4.80
C TRP A 143 0.02 -26.05 -6.30
N GLY A 144 1.00 -26.71 -6.90
CA GLY A 144 0.81 -27.08 -8.32
C GLY A 144 0.84 -25.93 -9.33
N ASN A 145 0.36 -26.13 -10.56
CA ASN A 145 0.48 -25.12 -11.63
C ASN A 145 -0.73 -24.20 -11.67
N GLN A 146 -0.68 -23.18 -10.83
CA GLN A 146 -1.74 -22.20 -10.65
C GLN A 146 -1.12 -20.99 -9.94
N ARG A 147 -1.77 -19.84 -10.10
CA ARG A 147 -1.30 -18.60 -9.51
C ARG A 147 -1.52 -18.58 -7.99
N ILE A 148 -0.45 -18.36 -7.25
CA ILE A 148 -0.55 -18.11 -5.82
C ILE A 148 -0.02 -16.69 -5.65
N SER A 149 -0.91 -15.79 -5.30
CA SER A 149 -0.57 -14.36 -5.15
C SER A 149 0.01 -14.14 -3.75
N GLY A 150 0.99 -13.25 -3.62
CA GLY A 150 1.62 -13.01 -2.33
C GLY A 150 0.89 -11.95 -1.53
N VAL A 151 1.19 -11.82 -0.24
CA VAL A 151 0.47 -10.89 0.62
C VAL A 151 1.46 -10.33 1.63
N CYS A 152 1.48 -9.00 1.79
CA CYS A 152 2.20 -8.33 2.88
C CYS A 152 1.46 -8.36 4.21
N ILE A 153 2.24 -8.52 5.28
CA ILE A 153 1.69 -8.46 6.64
C ILE A 153 2.45 -7.42 7.45
N HIS A 154 1.70 -6.47 7.99
CA HIS A 154 2.23 -5.37 8.79
C HIS A 154 2.43 -5.87 10.24
N PRO A 155 3.60 -5.54 10.85
CA PRO A 155 3.88 -6.06 12.19
C PRO A 155 2.87 -5.61 13.25
N ARG A 156 2.20 -4.49 13.02
CA ARG A 156 1.27 -3.91 13.99
C ARG A 156 -0.19 -4.21 13.62
N PHE A 157 -0.53 -4.06 12.34
CA PHE A 157 -1.92 -4.26 11.90
C PHE A 157 -2.23 -5.60 11.24
N GLY A 158 -1.26 -6.50 11.16
CA GLY A 158 -1.52 -7.74 10.42
C GLY A 158 -1.83 -7.42 8.97
N GLY A 159 -2.96 -7.89 8.44
CA GLY A 159 -3.40 -7.52 7.10
C GLY A 159 -4.50 -6.47 7.10
N TRP A 160 -4.74 -5.85 8.25
CA TRP A 160 -5.73 -4.78 8.38
C TRP A 160 -5.10 -3.42 7.99
N PHE A 161 -4.69 -3.33 6.73
CA PHE A 161 -4.06 -2.12 6.20
C PHE A 161 -4.10 -2.28 4.69
N ALA A 162 -3.79 -1.20 3.96
CA ALA A 162 -3.57 -1.35 2.52
C ALA A 162 -2.42 -0.48 2.06
N ILE A 163 -1.85 -0.83 0.91
CA ILE A 163 -0.76 -0.04 0.34
C ILE A 163 -1.38 0.95 -0.63
N ARG A 164 -1.06 2.23 -0.51
CA ARG A 164 -1.82 3.23 -1.24
C ARG A 164 -1.03 3.91 -2.32
N GLY A 165 0.28 3.93 -2.22
CA GLY A 165 1.03 4.57 -3.27
C GLY A 165 2.47 4.78 -2.97
N VAL A 166 3.17 5.38 -3.92
CA VAL A 166 4.57 5.62 -3.81
C VAL A 166 4.80 7.09 -4.19
N VAL A 167 5.64 7.77 -3.42
CA VAL A 167 6.05 9.13 -3.78
C VAL A 167 7.52 9.06 -4.21
N LEU A 168 7.81 9.52 -5.43
CA LEU A 168 9.21 9.59 -5.92
C LEU A 168 9.71 11.03 -5.90
N LEU A 169 10.99 11.24 -5.59
CA LEU A 169 11.57 12.57 -5.62
C LEU A 169 12.78 12.55 -6.58
N PRO A 170 12.53 12.57 -7.90
CA PRO A 170 13.69 12.50 -8.79
C PRO A 170 14.62 13.67 -8.49
N GLY A 171 15.92 13.47 -8.49
CA GLY A 171 16.83 14.57 -8.22
C GLY A 171 17.23 14.70 -6.77
N ILE A 172 16.53 13.98 -5.89
CA ILE A 172 17.02 13.82 -4.52
C ILE A 172 17.61 12.43 -4.38
N GLU A 173 18.93 12.38 -4.23
CA GLU A 173 19.69 11.13 -4.14
C GLU A 173 20.21 10.91 -2.73
N VAL A 174 19.97 9.70 -2.21
CA VAL A 174 20.29 9.37 -0.83
C VAL A 174 21.00 8.02 -0.77
N PRO A 175 22.20 7.94 -1.37
CA PRO A 175 22.97 6.70 -1.50
C PRO A 175 23.29 6.06 -0.15
N ASP A 176 23.28 6.85 0.92
CA ASP A 176 23.60 6.36 2.26
C ASP A 176 22.38 6.01 3.13
N LEU A 177 21.17 6.20 2.62
CA LEU A 177 19.97 5.72 3.33
C LEU A 177 20.12 4.24 3.64
N PRO A 178 20.10 3.85 4.92
CA PRO A 178 20.34 2.44 5.22
C PRO A 178 19.07 1.61 5.09
N PRO A 179 19.17 0.42 4.47
CA PRO A 179 17.99 -0.46 4.39
C PRO A 179 17.48 -0.81 5.77
N ARG A 180 16.18 -0.78 5.97
CA ARG A 180 15.56 -1.30 7.18
C ARG A 180 14.73 -2.53 6.77
N LYS A 181 15.13 -3.72 7.22
CA LYS A 181 14.46 -4.96 6.85
C LYS A 181 13.04 -5.01 7.38
N PRO A 182 12.09 -5.47 6.55
CA PRO A 182 10.75 -5.67 7.11
C PRO A 182 10.77 -6.77 8.16
N HIS A 183 9.88 -6.67 9.13
CA HIS A 183 9.79 -7.67 10.18
C HIS A 183 9.23 -8.98 9.62
N ASP A 184 9.95 -10.06 9.83
CA ASP A 184 9.45 -11.40 9.46
C ASP A 184 8.51 -11.89 10.56
N CYS A 185 7.28 -11.38 10.55
CA CYS A 185 6.37 -11.63 11.66
C CYS A 185 5.46 -12.85 11.41
N VAL A 186 5.61 -13.49 10.25
CA VAL A 186 5.01 -14.82 10.04
C VAL A 186 6.14 -15.76 9.64
N PRO A 187 6.98 -16.18 10.61
CA PRO A 187 8.25 -16.82 10.23
C PRO A 187 8.19 -18.30 9.78
N THR A 188 7.23 -19.08 10.24
CA THR A 188 7.27 -20.53 10.02
C THR A 188 6.60 -20.96 8.72
N ARG A 189 7.07 -22.06 8.16
CA ARG A 189 6.52 -22.61 6.93
C ARG A 189 5.02 -22.84 6.97
N ALA A 190 4.53 -23.49 8.03
CA ALA A 190 3.12 -23.81 8.16
C ALA A 190 2.27 -22.55 8.30
N ASP A 191 2.77 -21.56 9.02
CA ASP A 191 2.01 -20.32 9.12
C ASP A 191 1.98 -19.56 7.78
N ARG A 192 3.04 -19.64 7.01
CA ARG A 192 3.07 -18.99 5.70
C ARG A 192 2.12 -19.69 4.72
N ILE A 193 2.05 -21.00 4.81
CA ILE A 193 1.14 -21.73 3.95
C ILE A 193 -0.30 -21.33 4.28
N ALA A 194 -0.60 -21.29 5.58
CA ALA A 194 -1.96 -20.95 6.02
C ALA A 194 -2.34 -19.52 5.60
N LEU A 195 -1.40 -18.59 5.76
CA LEU A 195 -1.55 -17.21 5.30
C LEU A 195 -1.89 -17.14 3.81
N LEU A 196 -1.08 -17.80 3.00
CA LEU A 196 -1.28 -17.76 1.55
C LEU A 196 -2.60 -18.43 1.09
N GLU A 197 -2.97 -19.55 1.71
CA GLU A 197 -4.25 -20.21 1.42
C GLU A 197 -5.38 -19.26 1.72
N GLY A 198 -5.29 -18.62 2.89
CA GLY A 198 -6.32 -17.71 3.35
C GLY A 198 -6.46 -16.50 2.44
N PHE A 199 -5.34 -15.97 1.99
CA PHE A 199 -5.36 -14.80 1.13
C PHE A 199 -5.90 -15.16 -0.24
N ASN A 200 -5.45 -16.28 -0.81
CA ASN A 200 -5.79 -16.59 -2.20
C ASN A 200 -7.17 -17.18 -2.35
N PHE A 201 -7.59 -17.98 -1.37
CA PHE A 201 -8.81 -18.75 -1.56
C PHE A 201 -9.98 -18.40 -0.63
N HIS A 202 -9.74 -17.60 0.39
CA HIS A 202 -10.77 -17.30 1.38
C HIS A 202 -10.73 -15.87 1.86
N TRP A 203 -10.25 -14.95 1.02
CA TRP A 203 -9.99 -13.60 1.51
C TRP A 203 -11.26 -12.85 1.90
N ARG A 204 -12.39 -13.23 1.32
CA ARG A 204 -13.65 -12.55 1.68
C ARG A 204 -14.06 -12.77 3.15
N ASP A 205 -13.46 -13.75 3.81
CA ASP A 205 -13.79 -13.96 5.21
C ASP A 205 -12.85 -13.20 6.18
N TRP A 206 -11.85 -12.49 5.64
CA TRP A 206 -11.03 -11.52 6.39
C TRP A 206 -9.95 -12.13 7.27
N THR A 207 -10.01 -13.44 7.45
CA THR A 207 -9.21 -14.15 8.43
C THR A 207 -7.72 -14.09 8.20
N TYR A 208 -7.30 -14.02 6.93
CA TYR A 208 -5.87 -13.95 6.62
C TYR A 208 -5.21 -12.75 7.32
N ARG A 209 -6.01 -11.72 7.56
CA ARG A 209 -5.51 -10.46 8.10
C ARG A 209 -5.08 -10.60 9.55
N ASP A 210 -5.56 -11.65 10.21
CA ASP A 210 -5.17 -11.91 11.60
C ASP A 210 -3.92 -12.77 11.70
N ALA A 211 -3.08 -12.84 10.65
CA ALA A 211 -1.89 -13.69 10.69
C ALA A 211 -0.98 -13.32 11.86
N VAL A 212 -1.03 -12.05 12.25
CA VAL A 212 -0.40 -11.65 13.49
C VAL A 212 -1.51 -10.93 14.29
N THR A 213 -1.42 -10.92 15.61
CA THR A 213 -2.47 -10.29 16.42
C THR A 213 -2.48 -8.78 16.17
N PRO A 214 -3.58 -8.27 15.59
CA PRO A 214 -3.57 -6.85 15.23
C PRO A 214 -3.74 -5.93 16.45
N GLN A 215 -3.06 -4.81 16.44
CA GLN A 215 -3.22 -3.77 17.43
C GLN A 215 -4.62 -3.19 17.28
N GLU A 216 -5.08 -3.12 16.03
CA GLU A 216 -6.39 -2.59 15.69
C GLU A 216 -6.81 -3.24 14.38
N ARG A 217 -8.11 -3.50 14.23
CA ARG A 217 -8.69 -4.05 12.99
C ARG A 217 -9.52 -2.97 12.33
N TYR A 218 -10.01 -3.21 11.12
CA TYR A 218 -11.05 -2.34 10.54
C TYR A 218 -12.32 -2.51 11.37
N SER A 219 -13.07 -1.43 11.59
CA SER A 219 -14.35 -1.53 12.29
C SER A 219 -15.33 -2.33 11.43
N GLU A 220 -16.45 -2.77 12.01
CA GLU A 220 -17.45 -3.47 11.22
C GLU A 220 -18.01 -2.57 10.15
N GLU A 221 -18.06 -1.27 10.46
CA GLU A 221 -18.53 -0.26 9.54
CA GLU A 221 -18.52 -0.23 9.53
C GLU A 221 -17.63 -0.23 8.30
N GLN A 222 -16.32 -0.23 8.52
CA GLN A 222 -15.33 -0.27 7.45
C GLN A 222 -15.37 -1.61 6.68
N LYS A 223 -15.49 -2.71 7.41
CA LYS A 223 -15.72 -4.02 6.77
C LYS A 223 -16.97 -4.00 5.88
N ALA A 224 -18.03 -3.34 6.34
CA ALA A 224 -19.28 -3.28 5.58
C ALA A 224 -19.04 -2.50 4.29
N TYR A 225 -18.24 -1.44 4.38
CA TYR A 225 -17.90 -0.65 3.21
C TYR A 225 -17.25 -1.51 2.15
N PHE A 226 -16.10 -2.08 2.46
CA PHE A 226 -15.42 -2.89 1.47
C PHE A 226 -16.24 -4.16 1.18
N SER A 227 -17.38 -3.99 0.50
CA SER A 227 -18.29 -5.10 0.16
C SER A 227 -18.21 -5.50 -1.32
N THR A 228 -17.72 -4.62 -2.20
CA THR A 228 -17.43 -4.97 -3.61
C THR A 228 -17.52 -3.77 -4.61
N PRO A 229 -16.36 -3.29 -5.14
CA PRO A 229 -16.17 -1.93 -5.70
C PRO A 229 -17.25 -1.38 -6.66
N PRO A 230 -17.61 -2.11 -7.74
CA PRO A 230 -18.67 -1.69 -8.67
C PRO A 230 -20.03 -1.60 -8.00
N ALA A 231 -20.38 -2.58 -7.16
CA ALA A 231 -21.64 -2.52 -6.41
C ALA A 231 -21.61 -1.48 -5.27
N GLN A 232 -20.44 -1.30 -4.65
CA GLN A 232 -20.37 -0.95 -3.23
C GLN A 232 -20.76 0.48 -2.89
N ARG A 233 -20.70 1.38 -3.88
CA ARG A 233 -21.21 2.70 -3.57
C ARG A 233 -21.90 3.33 -4.75
N LEU A 234 -21.17 3.42 -5.88
CA LEU A 234 -21.63 4.19 -7.04
C LEU A 234 -22.66 3.39 -7.80
N ALA A 235 -22.49 2.07 -7.85
CA ALA A 235 -23.58 1.23 -8.35
C ALA A 235 -24.37 0.85 -7.13
N LEU A 236 -23.99 1.44 -6.01
CA LEU A 236 -24.89 1.46 -4.90
C LEU A 236 -25.90 2.53 -5.24
N LEU A 237 -26.87 2.72 -4.37
CA LEU A 237 -28.14 3.20 -4.82
C LEU A 237 -28.75 2.06 -5.68
N GLY A 238 -27.94 1.07 -6.07
CA GLY A 238 -28.41 -0.07 -6.85
C GLY A 238 -29.48 -0.84 -6.11
N LEU A 239 -29.32 -0.96 -4.80
CA LEU A 239 -30.31 -1.63 -3.96
C LEU A 239 -31.55 -0.75 -3.78
N ALA A 240 -31.44 0.52 -4.20
CA ALA A 240 -32.57 1.44 -4.17
C ALA A 240 -33.14 1.76 -5.59
N GLN A 241 -32.43 1.32 -6.63
CA GLN A 241 -32.88 1.42 -8.04
C GLN A 241 -32.27 0.27 -8.87
#